data_4MU7
#
_entry.id   4MU7
#
_cell.length_a   30.982
_cell.length_b   68.320
_cell.length_c   121.622
_cell.angle_alpha   90.00
_cell.angle_beta   90.00
_cell.angle_gamma   90.00
#
_symmetry.space_group_name_H-M   'P 21 21 21'
#
loop_
_entity.id
_entity.type
_entity.pdbx_description
1 polymer 'Baculoviral IAP repeat-containing protein 2'
2 non-polymer 'ZINC ION'
3 non-polymer (3S,10aS)-2-[(2S)-2-cyclohexyl-2-{[(2S)-2-(methylamino)butanoyl]amino}acetyl]-N-[(4R)-3,4-dihydro-2H-chromen-4-yl]-1,2,3,4,10,10a-hexahydropyrazino[1,2-a]indole-3-carboxamide
4 water water
#
_entity_poly.entity_id   1
_entity_poly.type   'polypeptide(L)'
_entity_poly.pdbx_seq_one_letter_code
;MGSSHHHHHHSSGENLYFQGGSSISNLSMQTHAARMRTFMYWPSSVPVQPEQLASAGFYYVGRNDDVKCFCCDGGLRCWE
SGDDPWVEHAKWFPRCEFLIRMKGQEFVDEIQGRY
;
_entity_poly.pdbx_strand_id   A,B
#
loop_
_chem_comp.id
_chem_comp.type
_chem_comp.name
_chem_comp.formula
2DY non-polymer (3S,10aS)-2-[(2S)-2-cyclohexyl-2-{[(2S)-2-(methylamino)butanoyl]amino}acetyl]-N-[(4R)-3,4-dihydro-2H-chromen-4-yl]-1,2,3,4,10,10a-hexahydropyrazino[1,2-a]indole-3-carboxamide 'C34 H45 N5 O4'
ZN non-polymer 'ZINC ION' 'Zn 2'
#
# COMPACT_ATOMS: atom_id res chain seq x y z
N ASN A 26 -10.52 16.50 -12.89
CA ASN A 26 -10.51 15.36 -11.92
C ASN A 26 -10.24 15.76 -10.47
N LEU A 27 -10.09 17.06 -10.21
CA LEU A 27 -10.02 17.54 -8.81
C LEU A 27 -11.36 17.27 -8.11
N SER A 28 -12.46 17.49 -8.84
CA SER A 28 -13.79 17.16 -8.37
C SER A 28 -13.94 15.69 -8.00
N MET A 29 -13.02 14.84 -8.49
CA MET A 29 -13.17 13.39 -8.38
C MET A 29 -12.26 12.78 -7.31
N GLN A 30 -11.72 13.61 -6.43
CA GLN A 30 -10.81 13.12 -5.41
C GLN A 30 -11.52 12.38 -4.26
N THR A 31 -12.84 12.49 -4.15
CA THR A 31 -13.58 11.74 -3.13
C THR A 31 -14.42 10.59 -3.69
N HIS A 32 -14.53 9.51 -2.92
CA HIS A 32 -15.33 8.34 -3.28
C HIS A 32 -16.76 8.71 -3.63
N ALA A 33 -17.37 9.59 -2.83
CA ALA A 33 -18.75 10.02 -3.08
C ALA A 33 -18.89 10.70 -4.43
N ALA A 34 -17.96 11.60 -4.77
CA ALA A 34 -18.04 12.35 -6.03
C ALA A 34 -17.90 11.37 -7.22
N ARG A 35 -16.97 10.43 -7.11
CA ARG A 35 -16.82 9.39 -8.14
C ARG A 35 -18.11 8.59 -8.31
N MET A 36 -18.69 8.14 -7.21
CA MET A 36 -19.93 7.36 -7.25
C MET A 36 -21.04 8.10 -7.98
N ARG A 37 -21.17 9.41 -7.72
CA ARG A 37 -22.20 10.20 -8.40
C ARG A 37 -22.08 10.22 -9.93
N THR A 38 -20.86 10.12 -10.48
CA THR A 38 -20.68 10.09 -11.96
C THR A 38 -21.28 8.86 -12.65
N PHE A 39 -21.63 7.83 -11.88
CA PHE A 39 -22.16 6.61 -12.45
C PHE A 39 -23.68 6.60 -12.56
N MET A 40 -24.30 7.77 -12.34
CA MET A 40 -25.74 7.99 -12.57
C MET A 40 -26.27 7.32 -13.84
N TYR A 41 -25.65 7.67 -14.97
CA TYR A 41 -26.01 7.16 -16.31
C TYR A 41 -25.09 6.04 -16.83
N TRP A 42 -24.44 5.32 -15.92
CA TRP A 42 -23.67 4.11 -16.25
C TRP A 42 -24.57 3.07 -16.84
N PRO A 43 -24.24 2.57 -18.05
CA PRO A 43 -25.11 1.54 -18.63
C PRO A 43 -25.25 0.30 -17.74
N SER A 44 -26.50 -0.11 -17.47
CA SER A 44 -26.75 -1.25 -16.57
C SER A 44 -26.29 -2.60 -17.13
N SER A 45 -26.00 -2.68 -18.43
CA SER A 45 -25.56 -3.94 -19.04
C SER A 45 -24.06 -4.20 -18.83
N VAL A 46 -23.31 -3.19 -18.38
CA VAL A 46 -21.87 -3.40 -18.16
C VAL A 46 -21.70 -4.35 -16.96
N PRO A 47 -20.89 -5.41 -17.11
CA PRO A 47 -20.76 -6.41 -16.04
C PRO A 47 -19.75 -6.05 -14.95
N VAL A 48 -19.48 -4.76 -14.75
CA VAL A 48 -18.71 -4.31 -13.59
C VAL A 48 -19.48 -3.17 -12.98
N GLN A 49 -19.57 -3.17 -11.65
CA GLN A 49 -20.44 -2.28 -10.90
C GLN A 49 -19.73 -0.98 -10.46
N PRO A 50 -20.48 0.13 -10.38
CA PRO A 50 -19.93 1.42 -9.95
C PRO A 50 -19.13 1.38 -8.64
N GLU A 51 -19.65 0.69 -7.63
CA GLU A 51 -19.00 0.63 -6.32
C GLU A 51 -17.56 0.15 -6.43
N GLN A 52 -17.36 -0.93 -7.19
CA GLN A 52 -16.00 -1.48 -7.30
CA GLN A 52 -16.02 -1.54 -7.42
C GLN A 52 -15.11 -0.53 -8.10
N LEU A 53 -15.67 0.14 -9.10
CA LEU A 53 -14.92 1.09 -9.92
C LEU A 53 -14.52 2.32 -9.12
N ALA A 54 -15.49 2.95 -8.47
CA ALA A 54 -15.21 4.13 -7.64
C ALA A 54 -14.20 3.85 -6.52
N SER A 55 -14.30 2.68 -5.88
CA SER A 55 -13.38 2.30 -4.81
C SER A 55 -11.96 2.18 -5.32
N ALA A 56 -11.80 1.74 -6.57
CA ALA A 56 -10.48 1.61 -7.19
C ALA A 56 -9.98 2.91 -7.80
N GLY A 57 -10.68 4.02 -7.57
CA GLY A 57 -10.24 5.33 -8.03
C GLY A 57 -10.88 5.89 -9.31
N PHE A 58 -11.78 5.13 -9.92
CA PHE A 58 -12.31 5.43 -11.23
C PHE A 58 -13.62 6.19 -11.17
N TYR A 59 -13.76 7.13 -12.11
CA TYR A 59 -15.04 7.82 -12.37
C TYR A 59 -15.47 7.70 -13.83
N TYR A 60 -16.78 7.75 -14.05
CA TYR A 60 -17.35 7.63 -15.38
C TYR A 60 -17.23 8.96 -16.14
N VAL A 61 -16.70 8.90 -17.37
CA VAL A 61 -16.53 10.11 -18.17
C VAL A 61 -17.75 10.43 -19.05
N GLY A 62 -18.76 9.56 -19.00
CA GLY A 62 -20.02 9.83 -19.64
C GLY A 62 -20.16 9.33 -21.07
N ARG A 63 -19.23 8.48 -21.51
CA ARG A 63 -19.34 7.85 -22.85
C ARG A 63 -19.05 6.36 -22.76
N ASN A 64 -19.93 5.56 -23.36
CA ASN A 64 -19.79 4.11 -23.37
C ASN A 64 -19.47 3.59 -21.97
N ASP A 65 -18.36 2.87 -21.78
CA ASP A 65 -17.99 2.40 -20.44
C ASP A 65 -16.62 2.91 -20.03
N ASP A 66 -16.27 4.11 -20.52
CA ASP A 66 -14.99 4.75 -20.31
C ASP A 66 -14.93 5.34 -18.91
N VAL A 67 -13.90 4.95 -18.14
CA VAL A 67 -13.63 5.53 -16.84
C VAL A 67 -12.19 6.01 -16.78
N LYS A 68 -11.92 6.90 -15.83
CA LYS A 68 -10.58 7.42 -15.65
C LYS A 68 -10.26 7.46 -14.17
N CYS A 69 -8.98 7.31 -13.83
CA CYS A 69 -8.55 7.42 -12.44
C CYS A 69 -8.34 8.89 -12.10
N PHE A 70 -8.86 9.30 -10.94
CA PHE A 70 -8.74 10.70 -10.51
C PHE A 70 -7.30 11.09 -10.24
N CYS A 71 -6.47 10.11 -9.91
CA CYS A 71 -5.10 10.39 -9.49
C CYS A 71 -4.13 10.37 -10.66
N CYS A 72 -4.04 9.24 -11.37
CA CYS A 72 -3.06 9.10 -12.45
C CYS A 72 -3.60 9.46 -13.84
N ASP A 73 -4.91 9.70 -13.92
CA ASP A 73 -5.62 10.02 -15.16
C ASP A 73 -5.66 8.86 -16.16
N GLY A 74 -5.40 7.65 -15.67
CA GLY A 74 -5.41 6.46 -16.54
C GLY A 74 -6.83 6.14 -16.95
N GLY A 75 -7.03 5.89 -18.24
CA GLY A 75 -8.35 5.55 -18.77
C GLY A 75 -8.51 4.07 -19.02
N LEU A 76 -9.67 3.52 -18.65
CA LEU A 76 -9.98 2.10 -18.89
C LEU A 76 -11.37 1.96 -19.51
N ARG A 77 -11.53 0.97 -20.38
CA ARG A 77 -12.80 0.75 -21.05
C ARG A 77 -12.91 -0.73 -21.46
N CYS A 78 -14.04 -1.07 -22.07
CA CYS A 78 -14.34 -2.43 -22.52
C CYS A 78 -14.25 -3.44 -21.39
N TRP A 79 -14.93 -3.12 -20.29
CA TRP A 79 -15.02 -3.98 -19.12
C TRP A 79 -15.73 -5.27 -19.49
N GLU A 80 -15.18 -6.39 -19.04
CA GLU A 80 -15.77 -7.72 -19.28
CA GLU A 80 -15.79 -7.70 -19.28
C GLU A 80 -16.11 -8.40 -17.97
N SER A 81 -16.97 -9.41 -18.05
CA SER A 81 -17.38 -10.20 -16.89
C SER A 81 -16.16 -10.77 -16.19
N GLY A 82 -16.08 -10.58 -14.87
CA GLY A 82 -14.94 -11.05 -14.10
C GLY A 82 -13.78 -10.08 -13.97
N ASP A 83 -13.82 -8.94 -14.70
CA ASP A 83 -12.74 -7.96 -14.60
C ASP A 83 -12.78 -7.34 -13.19
N ASP A 84 -11.58 -7.12 -12.64
CA ASP A 84 -11.37 -6.61 -11.29
C ASP A 84 -10.67 -5.24 -11.42
N PRO A 85 -11.38 -4.15 -11.09
CA PRO A 85 -10.78 -2.80 -11.25
C PRO A 85 -9.43 -2.59 -10.62
N TRP A 86 -9.21 -3.13 -9.43
CA TRP A 86 -7.88 -3.02 -8.79
C TRP A 86 -6.80 -3.70 -9.58
N VAL A 87 -7.10 -4.90 -10.07
CA VAL A 87 -6.11 -5.62 -10.87
C VAL A 87 -5.81 -4.85 -12.16
N GLU A 88 -6.86 -4.38 -12.83
CA GLU A 88 -6.70 -3.63 -14.07
C GLU A 88 -5.93 -2.33 -13.83
N HIS A 89 -6.20 -1.67 -12.69
CA HIS A 89 -5.43 -0.47 -12.31
C HIS A 89 -3.94 -0.77 -12.26
N ALA A 90 -3.56 -1.86 -11.57
CA ALA A 90 -2.16 -2.28 -11.44
C ALA A 90 -1.57 -2.82 -12.73
N LYS A 91 -2.40 -3.45 -13.57
CA LYS A 91 -1.92 -3.92 -14.88
C LYS A 91 -1.47 -2.78 -15.79
N TRP A 92 -2.27 -1.73 -15.89
CA TRP A 92 -2.07 -0.68 -16.90
C TRP A 92 -1.39 0.55 -16.37
N PHE A 93 -1.62 0.85 -15.09
CA PHE A 93 -1.11 2.09 -14.50
C PHE A 93 -0.38 1.82 -13.19
N PRO A 94 0.72 1.01 -13.26
CA PRO A 94 1.35 0.49 -12.05
C PRO A 94 2.03 1.56 -11.17
N ARG A 95 2.33 2.73 -11.72
CA ARG A 95 2.97 3.80 -10.97
CA ARG A 95 2.97 3.81 -10.98
C ARG A 95 2.00 4.78 -10.31
N CYS A 96 0.69 4.53 -10.42
CA CYS A 96 -0.31 5.40 -9.79
C CYS A 96 -0.15 5.45 -8.25
N GLU A 97 -0.02 6.66 -7.71
CA GLU A 97 0.23 6.81 -6.29
C GLU A 97 -0.97 6.43 -5.43
N PHE A 98 -2.18 6.70 -5.90
CA PHE A 98 -3.39 6.25 -5.22
C PHE A 98 -3.41 4.72 -5.11
N LEU A 99 -3.14 4.06 -6.23
CA LEU A 99 -3.10 2.61 -6.26
C LEU A 99 -2.09 2.08 -5.26
N ILE A 100 -0.89 2.64 -5.27
CA ILE A 100 0.16 2.19 -4.39
C ILE A 100 -0.20 2.41 -2.92
N ARG A 101 -0.80 3.55 -2.59
CA ARG A 101 -1.18 3.88 -1.22
CA ARG A 101 -1.15 3.83 -1.20
C ARG A 101 -2.28 2.94 -0.70
N MET A 102 -3.19 2.55 -1.60
CA MET A 102 -4.30 1.70 -1.22
C MET A 102 -3.96 0.21 -1.15
N LYS A 103 -3.20 -0.28 -2.13
CA LYS A 103 -2.95 -1.73 -2.27
C LYS A 103 -1.53 -2.14 -1.95
N GLY A 104 -0.59 -1.20 -1.99
CA GLY A 104 0.81 -1.47 -1.67
C GLY A 104 1.63 -1.82 -2.90
N GLN A 105 2.90 -1.44 -2.87
CA GLN A 105 3.84 -1.77 -3.95
C GLN A 105 3.97 -3.29 -4.20
N GLU A 106 3.80 -4.10 -3.16
CA GLU A 106 3.89 -5.55 -3.31
C GLU A 106 2.83 -6.12 -4.27
N PHE A 107 1.56 -5.77 -4.01
CA PHE A 107 0.45 -6.12 -4.90
C PHE A 107 0.72 -5.70 -6.32
N VAL A 108 1.17 -4.45 -6.50
CA VAL A 108 1.41 -3.95 -7.84
C VAL A 108 2.50 -4.78 -8.55
N ASP A 109 3.63 -5.01 -7.87
CA ASP A 109 4.71 -5.86 -8.40
C ASP A 109 4.24 -7.23 -8.88
N GLU A 110 3.41 -7.90 -8.09
CA GLU A 110 2.88 -9.21 -8.44
C GLU A 110 1.99 -9.17 -9.66
N ILE A 111 1.13 -8.14 -9.74
CA ILE A 111 0.30 -7.98 -10.92
C ILE A 111 1.18 -7.78 -12.15
N GLN A 112 2.31 -7.10 -11.95
CA GLN A 112 3.28 -6.88 -13.01
C GLN A 112 4.23 -8.07 -13.27
N GLY A 113 3.96 -9.21 -12.63
CA GLY A 113 4.74 -10.42 -12.86
C GLY A 113 6.10 -10.46 -12.18
N ARG A 114 6.27 -9.67 -11.11
CA ARG A 114 7.51 -9.65 -10.34
C ARG A 114 7.26 -10.16 -8.93
N TYR A 115 7.98 -11.22 -8.56
CA TYR A 115 7.81 -11.89 -7.28
C TYR A 115 9.10 -11.87 -6.46
N SER B 22 12.31 13.68 3.29
CA SER B 22 12.29 15.00 3.98
C SER B 22 11.41 14.96 5.24
N SER B 23 10.26 14.32 5.14
CA SER B 23 9.54 13.90 6.35
C SER B 23 10.23 12.65 6.95
N ILE B 24 11.16 12.06 6.21
CA ILE B 24 11.85 10.85 6.63
C ILE B 24 12.70 11.14 7.87
N SER B 25 12.54 10.31 8.89
CA SER B 25 13.17 10.52 10.19
C SER B 25 14.68 10.29 10.13
N ASN B 26 15.11 9.23 9.46
CA ASN B 26 16.54 8.93 9.36
C ASN B 26 16.92 8.63 7.91
N LEU B 27 17.41 9.65 7.22
CA LEU B 27 17.74 9.54 5.80
C LEU B 27 18.90 8.57 5.56
N SER B 28 19.80 8.42 6.54
CA SER B 28 20.91 7.48 6.37
C SER B 28 20.46 6.03 6.38
N MET B 29 19.22 5.78 6.78
CA MET B 29 18.69 4.42 6.88
C MET B 29 17.60 4.16 5.83
N GLN B 30 17.56 4.93 4.75
CA GLN B 30 16.50 4.75 3.75
C GLN B 30 16.71 3.52 2.85
N THR B 31 17.95 3.06 2.72
CA THR B 31 18.21 1.86 1.94
C THR B 31 18.22 0.59 2.81
N HIS B 32 17.79 -0.53 2.22
CA HIS B 32 17.78 -1.85 2.86
C HIS B 32 19.16 -2.27 3.28
N ALA B 33 20.14 -1.99 2.43
CA ALA B 33 21.54 -2.28 2.72
C ALA B 33 22.00 -1.60 4.02
N ALA B 34 21.70 -0.31 4.16
CA ALA B 34 22.12 0.45 5.34
C ALA B 34 21.48 -0.12 6.59
N ARG B 35 20.19 -0.43 6.52
CA ARG B 35 19.49 -1.00 7.66
C ARG B 35 20.05 -2.37 8.07
N MET B 36 20.35 -3.22 7.10
CA MET B 36 20.98 -4.51 7.40
C MET B 36 22.33 -4.34 8.11
N ARG B 37 23.14 -3.41 7.64
CA ARG B 37 24.44 -3.11 8.28
C ARG B 37 24.34 -2.91 9.79
N THR B 38 23.24 -2.26 10.23
CA THR B 38 23.10 -1.97 11.67
C THR B 38 22.93 -3.21 12.54
N PHE B 39 22.59 -4.36 11.93
CA PHE B 39 22.39 -5.59 12.69
C PHE B 39 23.67 -6.40 12.92
N MET B 40 24.83 -5.80 12.65
CA MET B 40 26.14 -6.43 12.88
C MET B 40 26.22 -7.06 14.29
N TYR B 41 25.73 -6.32 15.29
CA TYR B 41 25.75 -6.75 16.70
C TYR B 41 24.39 -7.21 17.24
N TRP B 42 23.42 -7.40 16.36
CA TRP B 42 22.12 -7.91 16.75
C TRP B 42 22.30 -9.20 17.47
N PRO B 43 21.74 -9.33 18.70
CA PRO B 43 21.98 -10.59 19.43
C PRO B 43 21.31 -11.78 18.73
N SER B 44 22.06 -12.87 18.57
CA SER B 44 21.54 -14.05 17.87
C SER B 44 20.45 -14.78 18.68
N SER B 45 20.33 -14.46 19.97
CA SER B 45 19.25 -14.99 20.81
C SER B 45 17.84 -14.48 20.46
N VAL B 46 17.75 -13.31 19.82
CA VAL B 46 16.46 -12.71 19.52
C VAL B 46 15.78 -13.50 18.38
N PRO B 47 14.52 -13.91 18.59
CA PRO B 47 13.89 -14.82 17.63
C PRO B 47 13.47 -14.22 16.27
N VAL B 48 13.47 -12.90 16.14
CA VAL B 48 13.16 -12.23 14.86
C VAL B 48 14.47 -11.89 14.15
N GLN B 49 14.56 -12.17 12.86
CA GLN B 49 15.80 -12.00 12.13
C GLN B 49 15.93 -10.59 11.56
N PRO B 50 17.19 -10.11 11.39
CA PRO B 50 17.48 -8.84 10.76
C PRO B 50 16.81 -8.67 9.41
N GLU B 51 16.85 -9.70 8.57
CA GLU B 51 16.23 -9.59 7.25
C GLU B 51 14.77 -9.15 7.31
N GLN B 52 13.97 -9.80 8.16
CA GLN B 52 12.56 -9.43 8.35
C GLN B 52 12.42 -7.98 8.85
N LEU B 53 13.28 -7.59 9.78
CA LEU B 53 13.18 -6.27 10.39
C LEU B 53 13.54 -5.18 9.40
N ALA B 54 14.68 -5.33 8.73
CA ALA B 54 15.14 -4.38 7.72
C ALA B 54 14.17 -4.20 6.56
N SER B 55 13.57 -5.30 6.11
CA SER B 55 12.55 -5.25 5.06
C SER B 55 11.33 -4.44 5.47
N ALA B 56 10.99 -4.47 6.75
CA ALA B 56 9.87 -3.70 7.26
C ALA B 56 10.25 -2.27 7.73
N GLY B 57 11.45 -1.82 7.35
CA GLY B 57 11.84 -0.42 7.56
C GLY B 57 12.65 -0.17 8.84
N PHE B 58 12.90 -1.22 9.60
CA PHE B 58 13.55 -1.10 10.92
C PHE B 58 15.06 -1.25 10.84
N TYR B 59 15.75 -0.50 11.70
CA TYR B 59 17.19 -0.66 11.89
C TYR B 59 17.49 -0.72 13.41
N TYR B 60 18.63 -1.33 13.73
CA TYR B 60 19.02 -1.58 15.11
C TYR B 60 19.71 -0.34 15.67
N VAL B 61 19.30 0.07 16.87
CA VAL B 61 19.89 1.27 17.52
C VAL B 61 21.00 0.92 18.53
N GLY B 62 21.36 -0.36 18.61
CA GLY B 62 22.57 -0.78 19.29
C GLY B 62 22.43 -1.00 20.79
N ARG B 63 21.20 -1.15 21.26
CA ARG B 63 20.88 -1.46 22.64
C ARG B 63 19.79 -2.54 22.69
N ASN B 64 20.02 -3.57 23.49
CA ASN B 64 19.03 -4.64 23.71
C ASN B 64 18.53 -5.20 22.36
N ASP B 65 17.21 -5.27 22.15
CA ASP B 65 16.65 -5.57 20.81
C ASP B 65 15.81 -4.39 20.27
N ASP B 66 16.27 -3.18 20.57
CA ASP B 66 15.58 -1.96 20.22
C ASP B 66 15.80 -1.65 18.75
N VAL B 67 14.72 -1.45 18.01
CA VAL B 67 14.80 -1.03 16.62
C VAL B 67 13.90 0.18 16.40
N LYS B 68 14.21 0.97 15.37
CA LYS B 68 13.38 2.09 14.93
C LYS B 68 13.16 2.03 13.42
N CYS B 69 12.02 2.55 12.98
CA CYS B 69 11.73 2.72 11.56
C CYS B 69 12.43 3.95 11.04
N PHE B 70 13.10 3.82 9.90
CA PHE B 70 13.76 4.97 9.25
C PHE B 70 12.78 6.07 8.86
N CYS B 71 11.51 5.73 8.60
CA CYS B 71 10.58 6.68 8.06
C CYS B 71 9.87 7.43 9.19
N CYS B 72 9.12 6.69 9.99
CA CYS B 72 8.24 7.27 11.02
C CYS B 72 8.88 7.43 12.41
N ASP B 73 10.08 6.90 12.60
CA ASP B 73 10.81 6.90 13.90
C ASP B 73 10.16 6.06 15.01
N GLY B 74 9.18 5.24 14.67
CA GLY B 74 8.55 4.36 15.65
C GLY B 74 9.60 3.37 16.15
N GLY B 75 9.63 3.17 17.47
CA GLY B 75 10.57 2.26 18.10
C GLY B 75 9.88 1.06 18.68
N LEU B 76 10.46 -0.12 18.46
CA LEU B 76 9.92 -1.38 19.00
C LEU B 76 11.00 -2.21 19.67
N ARG B 77 10.57 -2.99 20.66
CA ARG B 77 11.47 -3.84 21.44
C ARG B 77 10.69 -5.02 21.99
N CYS B 78 11.40 -5.89 22.71
CA CYS B 78 10.81 -7.08 23.31
C CYS B 78 10.18 -7.94 22.21
N TRP B 79 10.99 -8.28 21.22
CA TRP B 79 10.57 -9.13 20.10
C TRP B 79 10.43 -10.56 20.56
N GLU B 80 9.34 -11.19 20.17
CA GLU B 80 9.00 -12.53 20.65
C GLU B 80 8.78 -13.48 19.49
N SER B 81 8.96 -14.76 19.76
CA SER B 81 8.84 -15.81 18.75
C SER B 81 7.51 -15.66 18.04
N GLY B 82 7.54 -15.70 16.71
CA GLY B 82 6.34 -15.52 15.92
C GLY B 82 5.95 -14.08 15.60
N ASP B 83 6.65 -13.09 16.16
CA ASP B 83 6.37 -11.67 15.82
C ASP B 83 6.68 -11.41 14.35
N ASP B 84 5.74 -10.72 13.70
CA ASP B 84 5.87 -10.35 12.29
C ASP B 84 6.09 -8.84 12.26
N PRO B 85 7.29 -8.40 11.84
CA PRO B 85 7.61 -6.97 11.88
C PRO B 85 6.63 -6.08 11.10
N TRP B 86 6.13 -6.55 9.96
CA TRP B 86 5.14 -5.77 9.23
C TRP B 86 3.86 -5.59 9.98
N VAL B 87 3.42 -6.63 10.67
CA VAL B 87 2.20 -6.58 11.49
C VAL B 87 2.39 -5.65 12.69
N GLU B 88 3.54 -5.75 13.36
CA GLU B 88 3.86 -4.88 14.47
C GLU B 88 3.93 -3.41 14.00
N HIS B 89 4.50 -3.18 12.82
CA HIS B 89 4.54 -1.82 12.23
C HIS B 89 3.17 -1.23 12.08
N ALA B 90 2.24 -2.02 11.54
CA ALA B 90 0.85 -1.59 11.33
C ALA B 90 0.04 -1.51 12.63
N LYS B 91 0.38 -2.34 13.61
CA LYS B 91 -0.28 -2.31 14.92
C LYS B 91 0.01 -1.02 15.68
N TRP B 92 1.28 -0.60 15.68
CA TRP B 92 1.73 0.50 16.54
C TRP B 92 1.88 1.80 15.80
N PHE B 93 2.24 1.74 14.51
CA PHE B 93 2.54 2.96 13.74
C PHE B 93 1.77 3.03 12.41
N PRO B 94 0.42 3.01 12.47
CA PRO B 94 -0.37 2.84 11.26
C PRO B 94 -0.27 3.96 10.22
N ARG B 95 0.12 5.17 10.63
CA ARG B 95 0.16 6.29 9.71
CA ARG B 95 0.16 6.28 9.69
C ARG B 95 1.55 6.48 9.08
N CYS B 96 2.44 5.52 9.28
CA CYS B 96 3.76 5.55 8.65
C CYS B 96 3.64 5.49 7.13
N GLU B 97 4.27 6.45 6.44
CA GLU B 97 4.19 6.50 4.98
C GLU B 97 4.87 5.31 4.30
N PHE B 98 6.00 4.88 4.83
CA PHE B 98 6.68 3.69 4.33
C PHE B 98 5.78 2.44 4.42
N LEU B 99 5.20 2.19 5.59
CA LEU B 99 4.26 1.10 5.77
C LEU B 99 3.12 1.16 4.72
N ILE B 100 2.49 2.32 4.62
CA ILE B 100 1.34 2.50 3.75
C ILE B 100 1.73 2.26 2.27
N ARG B 101 2.82 2.85 1.80
CA ARG B 101 3.25 2.65 0.41
C ARG B 101 3.75 1.23 0.10
N MET B 102 4.35 0.56 1.06
CA MET B 102 4.85 -0.80 0.82
C MET B 102 3.73 -1.85 0.88
N LYS B 103 2.87 -1.75 1.90
CA LYS B 103 1.89 -2.79 2.19
C LYS B 103 0.48 -2.43 1.81
N GLY B 104 0.20 -1.12 1.74
CA GLY B 104 -1.12 -0.62 1.39
C GLY B 104 -2.01 -0.31 2.58
N GLN B 105 -2.85 0.70 2.42
CA GLN B 105 -3.80 1.13 3.45
C GLN B 105 -4.76 -0.01 3.84
N GLU B 106 -5.07 -0.86 2.88
CA GLU B 106 -5.92 -2.03 3.13
C GLU B 106 -5.32 -2.96 4.19
N PHE B 107 -4.05 -3.31 4.03
CA PHE B 107 -3.34 -4.11 5.02
C PHE B 107 -3.39 -3.43 6.41
N VAL B 108 -3.10 -2.13 6.44
CA VAL B 108 -3.06 -1.40 7.70
C VAL B 108 -4.42 -1.42 8.39
N ASP B 109 -5.47 -1.15 7.63
CA ASP B 109 -6.85 -1.17 8.12
C ASP B 109 -7.24 -2.54 8.70
N GLU B 110 -6.81 -3.62 8.04
CA GLU B 110 -7.08 -5.00 8.49
C GLU B 110 -6.40 -5.31 9.82
N ILE B 111 -5.12 -4.95 9.93
CA ILE B 111 -4.40 -5.10 11.18
C ILE B 111 -5.04 -4.23 12.27
N GLN B 112 -5.39 -2.99 11.93
CA GLN B 112 -5.96 -2.06 12.90
C GLN B 112 -7.37 -2.49 13.33
N GLY B 113 -8.07 -3.21 12.46
CA GLY B 113 -9.40 -3.71 12.78
C GLY B 113 -9.40 -4.91 13.70
N ARG B 114 -8.32 -5.70 13.62
CA ARG B 114 -8.15 -6.93 14.41
CA ARG B 114 -8.19 -6.91 14.44
C ARG B 114 -7.04 -6.75 15.44
ZN ZN C . -4.60 5.66 -10.92
C1 2DY D . -10.51 -2.44 -18.27
C2 2DY D . -10.55 -3.96 -18.37
C3 2DY D . -10.60 -4.37 -19.84
N5 2DY D . -10.76 -5.84 -19.90
C6 2DY D . -11.02 -6.37 -21.26
C7 2DY D . -9.34 -3.93 -20.53
O8 2DY D . -8.37 -4.63 -20.44
N9 2DY D . -9.34 -2.79 -21.21
C10 2DY D . -8.20 -2.25 -21.96
C12 2DY D . -8.83 -2.52 -23.35
C13 2DY D . -8.94 -1.31 -24.26
C14 2DY D . -9.67 -1.67 -25.59
C15 2DY D . -9.96 -3.17 -25.74
C16 2DY D . -8.71 -4.01 -25.41
C17 2DY D . -8.17 -3.73 -24.00
C18 2DY D . -7.95 -0.80 -21.64
O19 2DY D . -8.88 -0.15 -21.20
N20 2DY D . -6.74 -0.20 -21.86
C21 2DY D . -5.59 -0.97 -22.43
C22 2DY D . -4.69 0.02 -23.17
C24 2DY D . -3.40 -0.65 -23.74
C25 2DY D . -2.26 0.07 -23.04
C26 2DY D . -0.89 -0.02 -23.24
C27 2DY D . -0.06 0.78 -22.45
C28 2DY D . -0.57 1.63 -21.48
C29 2DY D . -1.94 1.75 -21.26
C30 2DY D . -2.79 0.98 -22.08
N31 2DY D . -4.17 0.82 -22.05
C32 2DY D . -5.09 1.71 -21.35
C33 2DY D . -6.57 1.22 -21.54
C35 2DY D . -7.22 2.03 -22.64
O36 2DY D . -7.41 1.54 -23.76
N37 2DY D . -7.56 3.30 -22.35
C38 2DY D . -8.21 4.20 -23.33
C40 2DY D . -7.15 4.92 -24.16
C41 2DY D . -6.75 6.24 -23.51
O42 2DY D . -7.93 7.04 -23.42
C43 2DY D . -8.96 6.54 -22.69
C44 2DY D . -9.82 7.41 -22.03
C45 2DY D . -10.87 6.91 -21.29
C46 2DY D . -11.05 5.53 -21.19
C47 2DY D . -10.19 4.66 -21.85
C48 2DY D . -9.14 5.16 -22.60
ZN ZN E . 7.45 3.41 10.05
C1 2DY F . 7.90 -5.56 18.66
C2 2DY F . 6.60 -6.28 18.94
C3 2DY F . 6.47 -6.62 20.41
N5 2DY F . 5.61 -7.83 20.51
C6 2DY F . 5.75 -8.57 21.77
C7 2DY F . 5.83 -5.48 21.15
O8 2DY F . 4.62 -5.37 21.20
N9 2DY F . 6.63 -4.56 21.73
C10 2DY F . 6.07 -3.44 22.48
C12 2DY F . 6.47 -3.79 23.93
C13 2DY F . 6.64 -2.59 24.88
C14 2DY F . 7.30 -3.12 26.17
C15 2DY F . 6.42 -4.19 26.85
C16 2DY F . 6.06 -5.32 25.88
C17 2DY F . 5.45 -4.76 24.57
C18 2DY F . 6.67 -2.14 21.98
O19 2DY F . 7.82 -2.21 21.58
N20 2DY F . 5.99 -0.96 22.00
C21 2DY F . 4.59 -0.87 22.52
C22 2DY F . 4.31 0.58 22.85
C24 2DY F . 2.85 0.89 23.28
C25 2DY F . 2.39 1.95 22.29
C26 2DY F . 1.22 2.70 22.28
C27 2DY F . 1.05 3.60 21.22
C28 2DY F . 2.00 3.75 20.23
C29 2DY F . 3.17 3.00 20.23
C30 2DY F . 3.38 2.09 21.29
N31 2DY F . 4.43 1.22 21.51
C32 2DY F . 5.81 1.54 21.26
C33 2DY F . 6.68 0.27 21.53
C35 2DY F . 7.71 0.68 22.55
O36 2DY F . 7.59 0.36 23.73
N37 2DY F . 8.78 1.38 22.13
C38 2DY F . 9.85 1.79 23.02
C40 2DY F . 9.44 3.08 23.76
C41 2DY F . 9.81 4.31 22.93
O42 2DY F . 11.22 4.26 22.66
C43 2DY F . 11.73 3.16 22.04
C44 2DY F . 12.90 3.27 21.26
C45 2DY F . 13.41 2.14 20.62
C46 2DY F . 12.79 0.91 20.77
C47 2DY F . 11.64 0.82 21.55
C48 2DY F . 11.11 1.93 22.18
#